data_2VPI
#
_entry.id   2VPI
#
_cell.length_a   35.680
_cell.length_b   120.880
_cell.length_c   47.320
_cell.angle_alpha   90.00
_cell.angle_beta   106.43
_cell.angle_gamma   90.00
#
_symmetry.space_group_name_H-M   'P 1 21 1'
#
loop_
_entity.id
_entity.type
_entity.pdbx_description
1 polymer 'GMP SYNTHASE'
2 water water
#
_entity_poly.entity_id   1
_entity_poly.type   'polypeptide(L)'
_entity_poly.pdbx_seq_one_letter_code
;MHHHHHHSSGVDLGTENLYFQSMEGAVVILDAGAQYGKVIDRRVRELFVQSEIFPLETPAFAIKEQGFRAIIISGGPNSV
YAEDAPWFDPAIFTIGKPVLGICYGMQMMNKVFGGTVHKKSVREDGVFNISVDNTCSLFRGLQKEEVVLLTHGDSVDKVA
DGFKVVARSGNIVAGIANESKKLYGAQFHPEVGLTENGKVILKNFLYDIAGCSGTFTV
;
_entity_poly.pdbx_strand_id   A,B
#
# COMPACT_ATOMS: atom_id res chain seq x y z
N MET A 23 7.24 16.87 13.95
CA MET A 23 6.52 16.50 15.20
C MET A 23 5.00 16.62 15.06
N GLU A 24 4.28 16.44 16.16
CA GLU A 24 2.81 16.41 16.17
C GLU A 24 2.16 17.70 15.70
N GLY A 25 1.06 17.56 14.95
CA GLY A 25 0.29 18.71 14.45
C GLY A 25 0.87 19.35 13.18
N ALA A 26 2.04 18.89 12.78
CA ALA A 26 2.70 19.41 11.58
C ALA A 26 2.38 18.59 10.33
N VAL A 27 2.69 19.18 9.18
CA VAL A 27 2.50 18.55 7.87
C VAL A 27 3.86 18.34 7.22
N VAL A 28 4.08 17.13 6.70
CA VAL A 28 5.31 16.85 5.96
C VAL A 28 5.02 16.96 4.45
N ILE A 29 5.93 17.63 3.75
CA ILE A 29 5.82 17.91 2.32
C ILE A 29 6.92 17.14 1.60
N LEU A 30 6.51 16.26 0.69
CA LEU A 30 7.43 15.51 -0.15
C LEU A 30 7.15 15.93 -1.57
N ASP A 31 8.06 16.67 -2.17
CA ASP A 31 7.82 17.27 -3.47
C ASP A 31 8.94 16.90 -4.43
N ALA A 32 8.59 16.24 -5.53
CA ALA A 32 9.54 15.86 -6.56
C ALA A 32 9.81 16.97 -7.59
N GLY A 33 9.07 18.07 -7.54
CA GLY A 33 9.22 19.16 -8.52
C GLY A 33 10.40 20.14 -8.34
N ALA A 34 10.52 21.07 -9.28
CA ALA A 34 11.64 22.03 -9.36
C ALA A 34 11.76 23.00 -8.17
N GLN A 35 10.69 23.11 -7.39
CA GLN A 35 10.65 24.06 -6.30
C GLN A 35 11.04 23.46 -4.96
N TYR A 36 11.21 22.14 -4.92
CA TYR A 36 11.66 21.41 -3.74
C TYR A 36 10.78 21.71 -2.51
N GLY A 37 9.46 21.62 -2.71
CA GLY A 37 8.48 21.84 -1.63
C GLY A 37 8.06 23.28 -1.33
N LYS A 38 8.77 24.25 -1.91
CA LYS A 38 8.67 25.67 -1.49
C LYS A 38 7.32 26.38 -1.74
N VAL A 39 6.70 26.12 -2.88
CA VAL A 39 5.40 26.70 -3.21
C VAL A 39 4.30 26.13 -2.27
N ILE A 40 4.23 24.80 -2.15
CA ILE A 40 3.30 24.14 -1.23
C ILE A 40 3.51 24.60 0.23
N ASP A 41 4.77 24.67 0.65
CA ASP A 41 5.20 25.12 1.98
C ASP A 41 4.78 26.56 2.32
N ARG A 42 4.86 27.46 1.35
CA ARG A 42 4.38 28.84 1.57
C ARG A 42 2.84 28.89 1.80
N ARG A 43 2.09 28.04 1.08
CA ARG A 43 0.63 27.94 1.24
C ARG A 43 0.21 27.39 2.60
N VAL A 44 0.94 26.39 3.10
CA VAL A 44 0.70 25.79 4.40
C VAL A 44 1.00 26.80 5.51
N ARG A 45 2.13 27.50 5.40
CA ARG A 45 2.48 28.62 6.28
C ARG A 45 1.40 29.70 6.32
N GLU A 46 0.93 30.10 5.14
CA GLU A 46 -0.07 31.17 5.05
C GLU A 46 -1.34 30.81 5.80
N LEU A 47 -1.59 29.51 5.92
CA LEU A 47 -2.72 28.98 6.67
C LEU A 47 -2.41 28.71 8.15
N PHE A 48 -1.19 29.03 8.58
CA PHE A 48 -0.77 29.02 9.99
C PHE A 48 -0.46 27.62 10.52
N VAL A 49 -0.13 26.71 9.61
CA VAL A 49 0.15 25.32 9.97
C VAL A 49 1.66 25.03 9.89
N GLN A 50 2.19 24.34 10.90
CA GLN A 50 3.61 23.93 10.89
C GLN A 50 3.85 22.90 9.81
N SER A 51 4.94 23.11 9.05
CA SER A 51 5.25 22.27 7.91
C SER A 51 6.75 22.01 7.81
N GLU A 52 7.11 20.78 7.43
CA GLU A 52 8.51 20.45 7.12
C GLU A 52 8.62 19.90 5.71
N ILE A 53 9.55 20.48 4.93
CA ILE A 53 9.95 19.92 3.65
C ILE A 53 10.98 18.82 3.91
N PHE A 54 10.65 17.61 3.47
CA PHE A 54 11.49 16.42 3.63
C PHE A 54 11.93 15.84 2.27
N PRO A 55 13.07 15.11 2.25
CA PRO A 55 13.46 14.35 1.06
C PRO A 55 12.37 13.38 0.61
N LEU A 56 12.10 13.30 -0.68
CA LEU A 56 10.98 12.50 -1.21
C LEU A 56 11.08 11.00 -0.86
N GLU A 57 12.30 10.52 -0.68
CA GLU A 57 12.55 9.11 -0.35
C GLU A 57 12.56 8.87 1.16
N THR A 58 12.10 9.86 1.94
CA THR A 58 11.93 9.72 3.38
C THR A 58 11.04 8.49 3.65
N PRO A 59 11.54 7.54 4.46
CA PRO A 59 10.73 6.34 4.72
C PRO A 59 9.48 6.64 5.55
N ALA A 60 8.39 5.99 5.20
CA ALA A 60 7.11 6.11 5.89
C ALA A 60 7.17 5.87 7.41
N PHE A 61 7.99 4.91 7.87
CA PHE A 61 8.10 4.66 9.31
C PHE A 61 8.66 5.86 10.08
N ALA A 62 9.65 6.53 9.48
CA ALA A 62 10.25 7.75 10.02
C ALA A 62 9.25 8.91 10.18
N ILE A 63 8.37 9.07 9.20
CA ILE A 63 7.25 10.01 9.28
C ILE A 63 6.28 9.67 10.43
N LYS A 64 6.01 8.38 10.62
CA LYS A 64 5.13 7.94 11.70
C LYS A 64 5.76 8.15 13.08
N GLU A 65 7.04 7.83 13.20
CA GLU A 65 7.78 7.99 14.45
C GLU A 65 7.95 9.46 14.85
N GLN A 66 7.89 10.37 13.89
CA GLN A 66 7.99 11.78 14.23
C GLN A 66 6.66 12.40 14.61
N GLY A 67 5.57 11.73 14.25
CA GLY A 67 4.23 12.15 14.68
C GLY A 67 3.56 13.20 13.81
N PHE A 68 4.01 13.35 12.57
CA PHE A 68 3.35 14.21 11.60
C PHE A 68 1.84 13.90 11.51
N ARG A 69 1.04 14.95 11.38
CA ARG A 69 -0.43 14.81 11.34
C ARG A 69 -0.94 14.46 9.92
N ALA A 70 -0.23 14.93 8.90
CA ALA A 70 -0.62 14.70 7.50
C ALA A 70 0.59 14.74 6.58
N ILE A 71 0.34 14.36 5.34
CA ILE A 71 1.34 14.30 4.28
C ILE A 71 0.79 14.97 3.02
N ILE A 72 1.64 15.78 2.38
CA ILE A 72 1.39 16.28 1.05
C ILE A 72 2.52 15.80 0.14
N ILE A 73 2.18 15.03 -0.86
CA ILE A 73 3.13 14.59 -1.87
C ILE A 73 2.78 15.21 -3.23
N SER A 74 3.80 15.75 -3.90
CA SER A 74 3.62 16.45 -5.17
C SER A 74 4.78 16.22 -6.11
N GLY A 75 4.63 16.68 -7.36
CA GLY A 75 5.69 16.61 -8.35
C GLY A 75 5.20 16.90 -9.74
N ALA A 85 12.37 8.15 -13.02
CA ALA A 85 11.29 8.30 -12.05
C ALA A 85 11.83 8.32 -10.62
N PRO A 86 11.38 9.30 -9.80
CA PRO A 86 11.89 9.43 -8.42
C PRO A 86 11.33 8.36 -7.49
N TRP A 87 12.18 7.88 -6.59
CA TRP A 87 11.80 6.85 -5.61
C TRP A 87 11.19 7.45 -4.34
N PHE A 88 10.01 6.99 -4.00
CA PHE A 88 9.33 7.37 -2.77
C PHE A 88 8.87 6.09 -2.09
N ASP A 89 8.57 6.17 -0.80
CA ASP A 89 8.12 5.02 -0.06
C ASP A 89 6.61 4.85 -0.28
N PRO A 90 6.19 3.72 -0.87
CA PRO A 90 4.75 3.46 -1.09
C PRO A 90 3.93 3.43 0.21
N ALA A 91 4.58 3.15 1.33
CA ALA A 91 3.90 3.07 2.62
C ALA A 91 3.44 4.44 3.17
N ILE A 92 3.84 5.53 2.53
CA ILE A 92 3.31 6.86 2.93
C ILE A 92 1.79 6.89 2.75
N PHE A 93 1.30 6.11 1.79
CA PHE A 93 -0.12 5.98 1.49
C PHE A 93 -0.84 4.94 2.35
N THR A 94 -0.09 4.12 3.10
CA THR A 94 -0.73 2.98 3.79
C THR A 94 -0.73 3.04 5.31
N ILE A 95 -0.13 4.08 5.87
CA ILE A 95 0.07 4.15 7.33
C ILE A 95 -1.06 4.83 8.10
N GLY A 96 -2.19 5.06 7.44
CA GLY A 96 -3.34 5.65 8.12
C GLY A 96 -3.31 7.16 8.34
N LYS A 97 -2.30 7.85 7.81
CA LYS A 97 -2.27 9.31 7.89
C LYS A 97 -2.98 9.94 6.68
N PRO A 98 -3.63 11.11 6.89
CA PRO A 98 -4.21 11.80 5.73
C PRO A 98 -3.17 12.22 4.69
N VAL A 99 -3.45 11.98 3.41
CA VAL A 99 -2.51 12.33 2.34
C VAL A 99 -3.20 13.13 1.24
N LEU A 100 -2.59 14.25 0.87
CA LEU A 100 -2.96 14.97 -0.33
C LEU A 100 -1.89 14.72 -1.39
N GLY A 101 -2.29 14.05 -2.46
CA GLY A 101 -1.46 13.87 -3.64
C GLY A 101 -1.77 14.91 -4.69
N ILE A 102 -0.76 15.70 -5.06
CA ILE A 102 -0.92 16.71 -6.07
C ILE A 102 -0.18 16.31 -7.34
N CYS A 103 -0.92 16.30 -8.45
CA CYS A 103 -0.36 16.01 -9.78
C CYS A 103 0.35 14.65 -9.82
N TYR A 104 1.66 14.64 -9.91
CA TYR A 104 2.43 13.39 -9.84
C TYR A 104 2.15 12.58 -8.58
N GLY A 105 1.94 13.28 -7.47
CA GLY A 105 1.51 12.67 -6.21
C GLY A 105 0.17 11.94 -6.27
N MET A 106 -0.76 12.48 -7.06
CA MET A 106 -2.05 11.82 -7.29
C MET A 106 -1.88 10.57 -8.15
N GLN A 107 -0.98 10.65 -9.12
CA GLN A 107 -0.69 9.53 -10.01
C GLN A 107 -0.09 8.36 -9.22
N MET A 108 0.84 8.69 -8.32
CA MET A 108 1.47 7.69 -7.48
C MET A 108 0.47 7.05 -6.51
N MET A 109 -0.37 7.88 -5.91
CA MET A 109 -1.45 7.43 -5.00
C MET A 109 -2.33 6.36 -5.65
N ASN A 110 -2.85 6.69 -6.84
CA ASN A 110 -3.63 5.78 -7.68
C ASN A 110 -2.88 4.45 -7.98
N LYS A 111 -1.62 4.57 -8.35
CA LYS A 111 -0.74 3.47 -8.74
C LYS A 111 -0.53 2.48 -7.60
N VAL A 112 -0.27 3.01 -6.40
CA VAL A 112 -0.02 2.21 -5.18
C VAL A 112 -1.22 1.36 -4.79
N PHE A 113 -2.42 1.82 -5.16
CA PHE A 113 -3.65 1.06 -4.87
C PHE A 113 -4.24 0.30 -6.06
N GLY A 114 -3.42 0.14 -7.12
CA GLY A 114 -3.76 -0.75 -8.22
C GLY A 114 -4.25 -0.08 -9.49
N GLY A 115 -4.25 1.26 -9.52
CA GLY A 115 -4.67 2.01 -10.70
C GLY A 115 -3.56 2.18 -11.73
N THR A 116 -3.93 2.70 -12.91
CA THR A 116 -2.96 2.94 -13.99
C THR A 116 -3.06 4.39 -14.50
N VAL A 117 -2.07 4.82 -15.27
CA VAL A 117 -2.06 6.19 -15.84
C VAL A 117 -1.82 6.21 -17.36
N HIS A 118 -2.41 7.21 -18.01
CA HIS A 118 -2.06 7.56 -19.40
C HIS A 118 -0.79 8.40 -19.41
N LYS A 119 0.12 8.05 -20.30
CA LYS A 119 1.35 8.81 -20.47
C LYS A 119 1.12 9.94 -21.44
N LYS A 120 1.53 11.15 -21.05
CA LYS A 120 1.49 12.36 -21.88
C LYS A 120 0.09 12.67 -22.46
N SER A 121 -0.94 12.50 -21.63
CA SER A 121 -2.32 12.80 -22.03
C SER A 121 -2.62 14.30 -22.02
N VAL A 122 -1.99 15.05 -21.12
CA VAL A 122 -2.11 16.51 -21.13
C VAL A 122 -0.91 17.05 -21.90
N ARG A 123 -1.16 17.52 -23.12
CA ARG A 123 -0.07 17.96 -23.99
C ARG A 123 0.47 19.37 -23.69
N GLU A 124 -0.38 20.22 -23.14
CA GLU A 124 -0.03 21.60 -22.85
C GLU A 124 -0.46 22.05 -21.47
N ASP A 125 0.36 22.90 -20.84
CA ASP A 125 -0.02 23.64 -19.65
C ASP A 125 -1.24 24.49 -20.00
N GLY A 126 -2.17 24.62 -19.07
CA GLY A 126 -3.34 25.46 -19.27
C GLY A 126 -4.16 25.68 -18.02
N VAL A 127 -4.95 26.73 -18.05
CA VAL A 127 -5.92 27.00 -16.99
C VAL A 127 -7.27 26.54 -17.53
N PHE A 128 -7.84 25.53 -16.90
CA PHE A 128 -9.07 24.94 -17.39
C PHE A 128 -10.16 25.02 -16.34
N ASN A 129 -11.38 25.25 -16.82
CA ASN A 129 -12.57 25.11 -16.01
C ASN A 129 -12.93 23.63 -16.03
N ILE A 130 -13.13 23.05 -14.85
CA ILE A 130 -13.40 21.62 -14.69
C ILE A 130 -14.67 21.39 -13.87
N SER A 131 -15.25 20.19 -13.96
CA SER A 131 -16.35 19.83 -13.09
C SER A 131 -15.84 19.28 -11.76
N VAL A 132 -16.46 19.75 -10.68
CA VAL A 132 -16.06 19.43 -9.31
C VAL A 132 -17.20 18.76 -8.54
N ASP A 133 -16.89 17.63 -7.89
CA ASP A 133 -17.80 17.05 -6.91
C ASP A 133 -17.70 17.84 -5.62
N ASN A 134 -18.73 18.68 -5.43
CA ASN A 134 -18.91 19.60 -4.32
C ASN A 134 -19.13 19.00 -2.96
N THR A 135 -19.52 17.72 -2.94
CA THR A 135 -19.90 17.02 -1.72
C THR A 135 -18.72 16.27 -1.15
N CYS A 136 -17.62 16.26 -1.90
CA CYS A 136 -16.36 15.67 -1.44
C CYS A 136 -15.71 16.62 -0.44
N SER A 137 -15.17 16.07 0.64
CA SER A 137 -14.52 16.82 1.72
C SER A 137 -13.54 17.88 1.20
N LEU A 138 -12.74 17.52 0.19
CA LEU A 138 -11.70 18.37 -0.35
C LEU A 138 -12.25 19.64 -1.02
N PHE A 139 -13.44 19.52 -1.62
CA PHE A 139 -13.96 20.57 -2.50
C PHE A 139 -15.15 21.32 -1.89
N ARG A 140 -15.22 21.27 -0.56
CA ARG A 140 -16.24 21.94 0.19
C ARG A 140 -16.16 23.46 0.06
N GLY A 141 -17.30 24.09 -0.25
CA GLY A 141 -17.36 25.53 -0.46
C GLY A 141 -17.05 25.94 -1.89
N LEU A 142 -16.79 24.96 -2.76
CA LEU A 142 -16.52 25.25 -4.15
C LEU A 142 -17.81 25.21 -4.98
N GLN A 143 -17.75 25.72 -6.20
CA GLN A 143 -18.84 25.58 -7.16
C GLN A 143 -18.74 24.21 -7.88
N LYS A 144 -19.76 23.87 -8.65
CA LYS A 144 -19.76 22.61 -9.41
C LYS A 144 -18.79 22.70 -10.58
N GLU A 145 -18.35 23.91 -10.88
CA GLU A 145 -17.33 24.16 -11.88
C GLU A 145 -16.27 25.06 -11.29
N GLU A 146 -15.00 24.78 -11.58
CA GLU A 146 -13.89 25.52 -10.99
C GLU A 146 -12.75 25.70 -11.99
N VAL A 147 -12.05 26.82 -11.88
CA VAL A 147 -10.92 27.15 -12.77
C VAL A 147 -9.59 26.78 -12.11
N VAL A 148 -8.85 25.88 -12.75
CA VAL A 148 -7.63 25.31 -12.15
C VAL A 148 -6.46 25.27 -13.14
N LEU A 149 -5.23 25.27 -12.62
CA LEU A 149 -4.03 25.08 -13.43
C LEU A 149 -3.64 23.59 -13.58
N LEU A 150 -3.70 23.10 -14.81
CA LEU A 150 -3.18 21.77 -15.14
C LEU A 150 -1.90 21.90 -15.93
N THR A 151 -0.85 21.22 -15.48
CA THR A 151 0.42 21.19 -16.18
C THR A 151 0.48 20.00 -17.15
N HIS A 152 1.25 20.15 -18.24
CA HIS A 152 1.42 19.08 -19.21
C HIS A 152 1.99 17.81 -18.56
N GLY A 153 1.52 16.66 -19.01
CA GLY A 153 2.05 15.40 -18.54
C GLY A 153 1.02 14.29 -18.56
N ASP A 154 1.04 13.48 -17.51
CA ASP A 154 0.24 12.28 -17.44
C ASP A 154 -1.08 12.52 -16.69
N SER A 155 -2.00 11.59 -16.84
CA SER A 155 -3.26 11.59 -16.09
C SER A 155 -3.80 10.17 -15.89
N VAL A 156 -4.54 9.98 -14.80
CA VAL A 156 -5.11 8.69 -14.43
C VAL A 156 -5.93 8.00 -15.53
N ASP A 157 -5.72 6.70 -15.71
CA ASP A 157 -6.51 5.88 -16.62
C ASP A 157 -7.56 5.11 -15.80
N LYS A 158 -7.23 3.87 -15.43
CA LYS A 158 -8.07 3.11 -14.52
C LYS A 158 -7.87 3.58 -13.09
N VAL A 159 -8.98 3.90 -12.44
CA VAL A 159 -9.00 4.45 -11.10
C VAL A 159 -8.97 3.28 -10.14
N ALA A 160 -8.01 3.31 -9.22
CA ALA A 160 -7.85 2.27 -8.19
C ALA A 160 -9.18 2.05 -7.46
N ASP A 161 -9.49 0.80 -7.14
CA ASP A 161 -10.67 0.43 -6.37
C ASP A 161 -10.65 1.15 -5.05
N GLY A 162 -11.81 1.56 -4.57
CA GLY A 162 -11.90 2.33 -3.33
C GLY A 162 -11.76 3.82 -3.51
N PHE A 163 -11.41 4.25 -4.72
CA PHE A 163 -11.37 5.67 -5.07
C PHE A 163 -12.54 6.04 -5.97
N LYS A 164 -13.16 7.18 -5.65
CA LYS A 164 -14.17 7.81 -6.51
C LYS A 164 -13.53 8.95 -7.30
N VAL A 165 -14.05 9.22 -8.48
CA VAL A 165 -13.66 10.39 -9.24
C VAL A 165 -14.45 11.58 -8.70
N VAL A 166 -13.73 12.64 -8.31
CA VAL A 166 -14.36 13.82 -7.70
C VAL A 166 -14.14 15.12 -8.49
N ALA A 167 -13.43 15.01 -9.60
CA ALA A 167 -13.28 16.12 -10.53
C ALA A 167 -12.89 15.55 -11.89
N ARG A 168 -13.33 16.23 -12.95
CA ARG A 168 -12.95 15.82 -14.31
C ARG A 168 -13.25 16.87 -15.36
N SER A 169 -12.61 16.67 -16.51
CA SER A 169 -12.99 17.32 -17.76
CA SER A 169 -13.05 17.29 -17.76
C SER A 169 -12.72 16.36 -18.91
N GLY A 170 -13.76 15.67 -19.37
CA GLY A 170 -13.65 14.76 -20.50
C GLY A 170 -13.06 13.40 -20.13
N ASN A 171 -12.01 13.02 -20.85
CA ASN A 171 -11.27 11.79 -20.54
C ASN A 171 -10.35 12.02 -19.36
N ILE A 172 -10.26 13.27 -18.90
CA ILE A 172 -9.25 13.64 -17.93
C ILE A 172 -9.81 13.65 -16.51
N VAL A 173 -9.40 12.67 -15.72
CA VAL A 173 -9.68 12.64 -14.32
C VAL A 173 -8.83 13.73 -13.69
N ALA A 174 -9.48 14.62 -12.97
CA ALA A 174 -8.82 15.77 -12.36
C ALA A 174 -8.75 15.67 -10.83
N GLY A 175 -9.44 14.68 -10.25
CA GLY A 175 -9.48 14.50 -8.80
C GLY A 175 -9.96 13.12 -8.38
N ILE A 176 -9.38 12.57 -7.31
CA ILE A 176 -9.82 11.29 -6.72
C ILE A 176 -9.88 11.33 -5.19
N ALA A 177 -10.77 10.55 -4.60
CA ALA A 177 -10.91 10.49 -3.15
C ALA A 177 -11.26 9.11 -2.63
N ASN A 178 -10.52 8.67 -1.61
CA ASN A 178 -10.93 7.57 -0.75
C ASN A 178 -11.22 8.19 0.61
N GLU A 179 -12.47 8.53 0.86
CA GLU A 179 -12.84 9.32 2.04
C GLU A 179 -12.62 8.59 3.37
N SER A 180 -12.90 7.28 3.39
CA SER A 180 -12.69 6.47 4.60
C SER A 180 -11.21 6.45 4.99
N LYS A 181 -10.32 6.43 4.00
CA LYS A 181 -8.86 6.43 4.25
C LYS A 181 -8.24 7.82 4.38
N LYS A 182 -9.03 8.85 4.08
CA LYS A 182 -8.53 10.22 4.01
C LYS A 182 -7.36 10.37 3.04
N LEU A 183 -7.51 9.73 1.88
CA LEU A 183 -6.54 9.85 0.80
C LEU A 183 -7.19 10.64 -0.32
N TYR A 184 -6.59 11.77 -0.68
CA TYR A 184 -7.15 12.65 -1.71
C TYR A 184 -6.13 12.99 -2.78
N GLY A 185 -6.58 12.97 -4.03
CA GLY A 185 -5.73 13.33 -5.15
C GLY A 185 -6.31 14.48 -5.97
N ALA A 186 -5.46 15.39 -6.40
CA ALA A 186 -5.83 16.46 -7.32
C ALA A 186 -4.79 16.49 -8.43
N GLN A 187 -5.27 16.36 -9.66
CA GLN A 187 -4.37 16.37 -10.81
C GLN A 187 -3.80 17.76 -10.98
N PHE A 188 -4.62 18.77 -10.78
CA PHE A 188 -4.23 20.16 -10.93
C PHE A 188 -3.44 20.66 -9.71
N HIS A 189 -2.98 21.91 -9.76
CA HIS A 189 -2.08 22.45 -8.74
C HIS A 189 -2.77 23.49 -7.87
N PRO A 190 -3.30 23.07 -6.69
CA PRO A 190 -4.01 24.03 -5.83
C PRO A 190 -3.08 25.06 -5.18
N GLU A 191 -1.77 24.80 -5.18
CA GLU A 191 -0.80 25.62 -4.46
C GLU A 191 -0.43 26.89 -5.23
N VAL A 192 -0.91 26.97 -6.47
CA VAL A 192 -0.62 28.12 -7.34
C VAL A 192 -1.87 29.01 -7.46
N GLY A 193 -1.67 30.33 -7.40
CA GLY A 193 -2.75 31.31 -7.41
C GLY A 193 -3.63 31.24 -8.63
N LEU A 194 -3.06 30.77 -9.75
CA LEU A 194 -3.82 30.52 -10.97
C LEU A 194 -4.95 29.51 -10.80
N THR A 195 -4.83 28.63 -9.80
CA THR A 195 -5.96 27.80 -9.39
C THR A 195 -6.83 28.66 -8.46
N GLU A 196 -7.92 29.19 -9.00
CA GLU A 196 -8.66 30.28 -8.34
C GLU A 196 -8.93 30.05 -6.85
N ASN A 197 -9.55 28.92 -6.51
CA ASN A 197 -9.81 28.59 -5.11
C ASN A 197 -8.93 27.46 -4.56
N GLY A 198 -7.65 27.48 -4.92
CA GLY A 198 -6.67 26.52 -4.43
C GLY A 198 -6.43 26.59 -2.93
N LYS A 199 -6.51 27.78 -2.36
CA LYS A 199 -6.40 27.97 -0.91
C LYS A 199 -7.52 27.30 -0.13
N VAL A 200 -8.73 27.32 -0.67
CA VAL A 200 -9.90 26.71 -0.05
C VAL A 200 -9.70 25.18 0.01
N ILE A 201 -9.17 24.61 -1.07
CA ILE A 201 -8.88 23.18 -1.18
C ILE A 201 -7.85 22.75 -0.12
N LEU A 202 -6.79 23.54 0.04
CA LEU A 202 -5.75 23.28 1.02
C LEU A 202 -6.28 23.44 2.43
N LYS A 203 -7.10 24.46 2.66
CA LYS A 203 -7.81 24.65 3.95
C LYS A 203 -8.68 23.44 4.32
N ASN A 204 -9.50 22.98 3.37
CA ASN A 204 -10.28 21.76 3.51
C ASN A 204 -9.43 20.56 3.95
N PHE A 205 -8.32 20.34 3.26
CA PHE A 205 -7.41 19.25 3.62
C PHE A 205 -6.73 19.39 4.98
N LEU A 206 -6.12 20.54 5.23
CA LEU A 206 -5.37 20.77 6.45
C LEU A 206 -6.27 20.86 7.68
N TYR A 207 -7.33 21.67 7.61
CA TYR A 207 -8.21 21.87 8.76
C TYR A 207 -9.23 20.76 8.91
N ASP A 208 -10.09 20.60 7.92
CA ASP A 208 -11.25 19.71 8.02
C ASP A 208 -10.84 18.23 7.99
N ILE A 209 -10.03 17.88 6.99
CA ILE A 209 -9.67 16.49 6.79
C ILE A 209 -8.57 16.07 7.78
N ALA A 210 -7.52 16.86 7.93
CA ALA A 210 -6.39 16.47 8.78
C ALA A 210 -6.54 16.91 10.23
N GLY A 211 -7.34 17.95 10.47
CA GLY A 211 -7.58 18.44 11.83
C GLY A 211 -6.46 19.28 12.39
N CYS A 212 -5.61 19.83 11.51
CA CYS A 212 -4.56 20.78 11.92
C CYS A 212 -5.24 22.04 12.38
N SER A 213 -4.75 22.65 13.46
CA SER A 213 -5.30 23.91 13.90
C SER A 213 -4.59 25.05 13.17
N GLY A 214 -5.37 26.03 12.74
CA GLY A 214 -4.79 27.18 12.06
C GLY A 214 -4.48 28.25 13.07
N THR A 215 -3.83 27.85 14.16
CA THR A 215 -3.51 28.75 15.25
C THR A 215 -2.04 28.64 15.64
N PHE A 216 -1.47 29.77 16.07
CA PHE A 216 -0.12 29.81 16.59
C PHE A 216 -0.14 30.44 17.99
N THR A 217 0.97 30.32 18.70
CA THR A 217 1.13 30.98 20.00
C THR A 217 2.32 31.93 19.99
N VAL A 218 2.04 33.22 20.17
CA VAL A 218 3.03 34.28 20.27
C VAL A 218 2.97 34.95 21.64
N MET B 23 -6.45 -16.94 -14.36
CA MET B 23 -7.94 -16.76 -14.37
C MET B 23 -8.57 -17.04 -12.99
N GLU B 24 -9.91 -17.06 -12.95
CA GLU B 24 -10.68 -17.13 -11.71
C GLU B 24 -10.50 -18.45 -10.95
N GLY B 25 -10.46 -18.35 -9.62
CA GLY B 25 -10.28 -19.53 -8.76
C GLY B 25 -8.85 -20.06 -8.67
N ALA B 26 -7.92 -19.43 -9.39
CA ALA B 26 -6.53 -19.82 -9.36
C ALA B 26 -5.71 -18.95 -8.40
N VAL B 27 -4.50 -19.43 -8.10
CA VAL B 27 -3.56 -18.73 -7.24
C VAL B 27 -2.32 -18.37 -8.05
N VAL B 28 -1.88 -17.12 -7.91
CA VAL B 28 -0.65 -16.68 -8.54
C VAL B 28 0.49 -16.72 -7.49
N ILE B 29 1.64 -17.21 -7.94
CA ILE B 29 2.82 -17.43 -7.13
C ILE B 29 3.92 -16.52 -7.64
N LEU B 30 4.38 -15.64 -6.76
CA LEU B 30 5.49 -14.73 -7.04
C LEU B 30 6.62 -15.07 -6.09
N ASP B 31 7.68 -15.68 -6.63
CA ASP B 31 8.72 -16.25 -5.79
C ASP B 31 10.07 -15.70 -6.20
N ALA B 32 10.75 -15.05 -5.25
CA ALA B 32 12.07 -14.48 -5.52
C ALA B 32 13.21 -15.47 -5.26
N GLY B 33 12.91 -16.61 -4.64
CA GLY B 33 13.96 -17.61 -4.32
C GLY B 33 14.46 -18.47 -5.46
N ALA B 34 15.40 -19.35 -5.14
CA ALA B 34 16.16 -20.18 -6.11
C ALA B 34 15.36 -21.22 -6.89
N GLN B 35 14.16 -21.52 -6.41
CA GLN B 35 13.31 -22.54 -7.04
C GLN B 35 12.29 -21.98 -8.00
N TYR B 36 12.24 -20.64 -8.09
CA TYR B 36 11.37 -19.94 -9.05
C TYR B 36 9.90 -20.38 -8.95
N GLY B 37 9.38 -20.46 -7.73
CA GLY B 37 7.98 -20.84 -7.49
C GLY B 37 7.64 -22.31 -7.43
N LYS B 38 8.62 -23.19 -7.69
CA LYS B 38 8.35 -24.63 -7.92
C LYS B 38 7.93 -25.44 -6.69
N VAL B 39 8.51 -25.11 -5.53
CA VAL B 39 8.21 -25.85 -4.30
C VAL B 39 6.82 -25.47 -3.84
N ILE B 40 6.52 -24.17 -3.80
CA ILE B 40 5.18 -23.67 -3.45
C ILE B 40 4.12 -24.21 -4.42
N ASP B 41 4.42 -24.13 -5.72
CA ASP B 41 3.56 -24.64 -6.80
C ASP B 41 3.18 -26.15 -6.69
N ARG B 42 4.16 -26.98 -6.34
CA ARG B 42 3.88 -28.39 -6.08
C ARG B 42 2.89 -28.62 -4.91
N ARG B 43 3.01 -27.81 -3.85
CA ARG B 43 2.11 -27.86 -2.68
C ARG B 43 0.67 -27.43 -2.98
N VAL B 44 0.53 -26.39 -3.81
CA VAL B 44 -0.78 -25.90 -4.23
C VAL B 44 -1.45 -26.96 -5.10
N ARG B 45 -0.68 -27.54 -6.02
CA ARG B 45 -1.15 -28.65 -6.86
C ARG B 45 -1.63 -29.82 -6.05
N GLU B 46 -0.84 -30.22 -5.05
CA GLU B 46 -1.20 -31.37 -4.21
C GLU B 46 -2.51 -31.17 -3.50
N LEU B 47 -2.88 -29.90 -3.28
CA LEU B 47 -4.15 -29.54 -2.68
C LEU B 47 -5.26 -29.31 -3.70
N PHE B 48 -4.97 -29.56 -4.99
CA PHE B 48 -5.96 -29.58 -6.08
C PHE B 48 -6.42 -28.18 -6.52
N VAL B 49 -5.56 -27.19 -6.29
CA VAL B 49 -5.87 -25.81 -6.66
C VAL B 49 -5.04 -25.39 -7.89
N GLN B 50 -5.70 -24.75 -8.85
CA GLN B 50 -5.01 -24.19 -10.01
C GLN B 50 -4.06 -23.07 -9.59
N SER B 51 -2.85 -23.10 -10.15
CA SER B 51 -1.79 -22.17 -9.76
C SER B 51 -0.91 -21.79 -10.95
N GLU B 52 -0.53 -20.53 -11.03
CA GLU B 52 0.38 -20.04 -12.05
C GLU B 52 1.58 -19.40 -11.36
N ILE B 53 2.78 -19.80 -11.79
CA ILE B 53 4.02 -19.12 -11.42
C ILE B 53 4.19 -17.98 -12.40
N PHE B 54 4.29 -16.77 -11.87
CA PHE B 54 4.38 -15.56 -12.66
C PHE B 54 5.68 -14.84 -12.36
N PRO B 55 6.18 -14.05 -13.33
CA PRO B 55 7.32 -13.17 -13.10
C PRO B 55 7.09 -12.33 -11.86
N LEU B 56 8.14 -12.16 -11.05
CA LEU B 56 8.03 -11.47 -9.75
C LEU B 56 7.63 -9.99 -9.86
N GLU B 57 7.89 -9.40 -11.04
CA GLU B 57 7.57 -7.99 -11.30
C GLU B 57 6.13 -7.77 -11.74
N THR B 58 5.36 -8.84 -11.93
CA THR B 58 3.99 -8.72 -12.46
C THR B 58 3.20 -7.67 -11.69
N PRO B 59 2.65 -6.67 -12.40
CA PRO B 59 1.97 -5.59 -11.70
C PRO B 59 0.69 -6.12 -11.08
N ALA B 60 0.23 -5.44 -10.01
CA ALA B 60 -1.02 -5.82 -9.35
C ALA B 60 -2.26 -5.66 -10.24
N PHE B 61 -2.26 -4.69 -11.14
CA PHE B 61 -3.45 -4.49 -11.98
C PHE B 61 -3.66 -5.67 -12.96
N ALA B 62 -2.55 -6.19 -13.50
CA ALA B 62 -2.56 -7.36 -14.37
C ALA B 62 -3.13 -8.58 -13.64
N ILE B 63 -2.65 -8.79 -12.43
CA ILE B 63 -3.17 -9.86 -11.56
C ILE B 63 -4.69 -9.71 -11.34
N LYS B 64 -5.14 -8.48 -11.15
CA LYS B 64 -6.56 -8.19 -10.93
C LYS B 64 -7.38 -8.41 -12.21
N GLU B 65 -6.84 -7.97 -13.34
CA GLU B 65 -7.50 -8.14 -14.64
C GLU B 65 -7.63 -9.60 -15.05
N GLN B 66 -6.73 -10.46 -14.57
CA GLN B 66 -6.82 -11.87 -14.90
C GLN B 66 -7.79 -12.64 -14.01
N GLY B 67 -8.09 -12.07 -12.85
CA GLY B 67 -9.10 -12.62 -11.96
C GLY B 67 -8.62 -13.69 -11.00
N PHE B 68 -7.31 -13.73 -10.75
CA PHE B 68 -6.74 -14.58 -9.70
C PHE B 68 -7.45 -14.40 -8.37
N ARG B 69 -7.67 -15.52 -7.68
CA ARG B 69 -8.38 -15.53 -6.40
C ARG B 69 -7.49 -15.12 -5.21
N ALA B 70 -6.21 -15.45 -5.29
CA ALA B 70 -5.26 -15.24 -4.19
C ALA B 70 -3.85 -15.09 -4.73
N ILE B 71 -2.95 -14.66 -3.85
CA ILE B 71 -1.54 -14.41 -4.14
C ILE B 71 -0.66 -15.06 -3.08
N ILE B 72 0.41 -15.71 -3.53
CA ILE B 72 1.47 -16.16 -2.63
C ILE B 72 2.77 -15.51 -3.10
N ILE B 73 3.37 -14.72 -2.22
CA ILE B 73 4.67 -14.12 -2.48
C ILE B 73 5.70 -14.67 -1.51
N SER B 74 6.87 -15.03 -2.03
CA SER B 74 7.91 -15.71 -1.26
C SER B 74 9.31 -15.33 -1.74
N GLY B 75 10.32 -15.73 -0.98
CA GLY B 75 11.72 -15.44 -1.34
C GLY B 75 12.65 -15.75 -0.19
N PRO B 86 15.05 -7.62 -5.02
CA PRO B 86 14.22 -7.78 -6.22
C PRO B 86 13.03 -6.84 -6.21
N TRP B 87 12.64 -6.33 -7.37
CA TRP B 87 11.52 -5.40 -7.50
C TRP B 87 10.20 -6.12 -7.69
N PHE B 88 9.23 -5.81 -6.84
CA PHE B 88 7.88 -6.35 -6.94
C PHE B 88 6.94 -5.16 -6.82
N ASP B 89 5.69 -5.34 -7.23
CA ASP B 89 4.70 -4.28 -7.17
C ASP B 89 4.09 -4.23 -5.77
N PRO B 90 4.28 -3.10 -5.05
CA PRO B 90 3.68 -2.96 -3.69
C PRO B 90 2.15 -3.06 -3.66
N ALA B 91 1.52 -2.81 -4.79
CA ALA B 91 0.05 -2.90 -4.91
C ALA B 91 -0.50 -4.34 -4.84
N ILE B 92 0.37 -5.36 -4.91
CA ILE B 92 -0.12 -6.75 -4.72
C ILE B 92 -0.74 -6.90 -3.32
N PHE B 93 -0.26 -6.09 -2.39
CA PHE B 93 -0.77 -6.07 -1.01
C PHE B 93 -1.97 -5.14 -0.79
N THR B 94 -2.29 -4.30 -1.79
CA THR B 94 -3.32 -3.26 -1.58
C THR B 94 -4.62 -3.42 -2.39
N ILE B 95 -4.70 -4.46 -3.22
CA ILE B 95 -5.82 -4.60 -4.15
C ILE B 95 -7.00 -5.44 -3.62
N GLY B 96 -6.96 -5.80 -2.34
CA GLY B 96 -8.07 -6.51 -1.73
C GLY B 96 -8.14 -8.01 -1.96
N LYS B 97 -7.13 -8.58 -2.61
CA LYS B 97 -7.02 -10.04 -2.72
C LYS B 97 -6.30 -10.63 -1.52
N PRO B 98 -6.66 -11.87 -1.13
CA PRO B 98 -5.89 -12.56 -0.09
C PRO B 98 -4.43 -12.83 -0.49
N VAL B 99 -3.51 -12.53 0.43
CA VAL B 99 -2.08 -12.74 0.18
C VAL B 99 -1.42 -13.50 1.33
N LEU B 100 -0.68 -14.55 0.97
CA LEU B 100 0.22 -15.21 1.88
C LEU B 100 1.64 -14.80 1.54
N GLY B 101 2.28 -14.12 2.49
CA GLY B 101 3.68 -13.78 2.36
C GLY B 101 4.54 -14.74 3.15
N ILE B 102 5.47 -15.39 2.45
CA ILE B 102 6.35 -16.37 3.09
C ILE B 102 7.77 -15.84 3.13
N CYS B 103 8.34 -15.85 4.33
CA CYS B 103 9.70 -15.41 4.60
C CYS B 103 9.90 -13.98 4.08
N TYR B 104 10.72 -13.80 3.04
CA TYR B 104 10.91 -12.51 2.41
C TYR B 104 9.60 -11.85 2.00
N GLY B 105 8.64 -12.66 1.55
CA GLY B 105 7.28 -12.20 1.27
C GLY B 105 6.58 -11.58 2.47
N MET B 106 6.78 -12.15 3.66
CA MET B 106 6.25 -11.58 4.91
C MET B 106 6.94 -10.25 5.25
N GLN B 107 8.24 -10.17 4.98
CA GLN B 107 9.05 -9.00 5.30
C GLN B 107 8.56 -7.84 4.45
N MET B 108 8.34 -8.10 3.16
CA MET B 108 7.82 -7.10 2.23
C MET B 108 6.42 -6.62 2.59
N MET B 109 5.56 -7.57 2.97
CA MET B 109 4.20 -7.28 3.44
C MET B 109 4.19 -6.29 4.61
N ASN B 110 5.02 -6.59 5.62
CA ASN B 110 5.22 -5.71 6.76
C ASN B 110 5.71 -4.30 6.36
N LYS B 111 6.69 -4.27 5.45
CA LYS B 111 7.35 -3.06 4.97
C LYS B 111 6.38 -2.13 4.25
N VAL B 112 5.54 -2.71 3.37
CA VAL B 112 4.58 -1.94 2.56
C VAL B 112 3.53 -1.23 3.40
N PHE B 113 3.29 -1.75 4.60
CA PHE B 113 2.33 -1.14 5.52
C PHE B 113 2.99 -0.41 6.67
N GLY B 114 4.28 -0.10 6.51
CA GLY B 114 4.99 0.80 7.42
C GLY B 114 5.83 0.17 8.53
N GLY B 115 5.99 -1.14 8.49
CA GLY B 115 6.83 -1.86 9.44
C GLY B 115 8.29 -1.88 9.01
N THR B 116 9.16 -2.33 9.92
CA THR B 116 10.60 -2.41 9.64
C THR B 116 11.13 -3.84 9.91
N VAL B 117 12.34 -4.13 9.41
CA VAL B 117 12.98 -5.44 9.64
C VAL B 117 14.40 -5.38 10.23
N HIS B 118 14.77 -6.41 11.00
CA HIS B 118 16.14 -6.61 11.44
C HIS B 118 16.91 -7.31 10.32
N LYS B 119 18.10 -6.80 10.01
CA LYS B 119 18.97 -7.44 9.04
C LYS B 119 19.79 -8.53 9.71
N LYS B 120 19.78 -9.72 9.10
CA LYS B 120 20.58 -10.88 9.51
C LYS B 120 20.39 -11.28 10.98
N SER B 121 19.13 -11.28 11.42
CA SER B 121 18.79 -11.67 12.79
C SER B 121 18.79 -13.19 12.98
N VAL B 122 18.42 -13.93 11.95
CA VAL B 122 18.50 -15.40 11.96
C VAL B 122 19.84 -15.79 11.32
N ARG B 123 20.81 -16.20 12.13
CA ARG B 123 22.15 -16.47 11.63
C ARG B 123 22.28 -17.80 10.89
N GLU B 124 21.49 -18.78 11.32
CA GLU B 124 21.58 -20.13 10.80
C GLU B 124 20.21 -20.69 10.45
N ASP B 125 20.17 -21.50 9.39
CA ASP B 125 19.05 -22.36 9.06
C ASP B 125 18.80 -23.28 10.25
N GLY B 126 17.54 -23.61 10.49
CA GLY B 126 17.21 -24.51 11.58
C GLY B 126 15.75 -24.86 11.67
N VAL B 127 15.47 -26.01 12.26
CA VAL B 127 14.10 -26.44 12.54
C VAL B 127 13.82 -26.08 13.99
N PHE B 128 12.89 -25.16 14.21
CA PHE B 128 12.59 -24.64 15.55
C PHE B 128 11.16 -24.89 15.95
N ASN B 129 10.98 -25.16 17.23
CA ASN B 129 9.65 -25.21 17.82
C ASN B 129 9.30 -23.78 18.20
N ILE B 130 8.13 -23.31 17.76
CA ILE B 130 7.71 -21.91 17.97
C ILE B 130 6.33 -21.84 18.64
N SER B 131 6.00 -20.70 19.22
CA SER B 131 4.64 -20.51 19.74
C SER B 131 3.70 -19.99 18.65
N VAL B 132 2.52 -20.60 18.58
CA VAL B 132 1.53 -20.34 17.53
C VAL B 132 0.23 -19.82 18.13
N ASP B 133 -0.27 -18.72 17.59
CA ASP B 133 -1.65 -18.29 17.87
C ASP B 133 -2.63 -19.14 17.05
N ASN B 134 -3.29 -20.03 17.77
CA ASN B 134 -4.21 -21.05 17.26
C ASN B 134 -5.55 -20.55 16.75
N THR B 135 -5.90 -19.32 17.15
CA THR B 135 -7.20 -18.74 16.85
C THR B 135 -7.09 -17.90 15.59
N CYS B 136 -5.87 -17.74 15.10
CA CYS B 136 -5.64 -17.07 13.81
C CYS B 136 -6.07 -18.00 12.67
N SER B 137 -6.71 -17.41 11.66
CA SER B 137 -7.23 -18.16 10.50
C SER B 137 -6.23 -19.10 9.84
N LEU B 138 -4.98 -18.64 9.76
CA LEU B 138 -3.90 -19.37 9.10
C LEU B 138 -3.47 -20.59 9.89
N PHE B 139 -3.62 -20.51 11.20
CA PHE B 139 -3.11 -21.51 12.13
C PHE B 139 -4.18 -22.39 12.81
N ARG B 140 -5.42 -22.33 12.32
CA ARG B 140 -6.49 -23.20 12.79
C ARG B 140 -6.10 -24.65 12.56
N GLY B 141 -6.35 -25.50 13.57
CA GLY B 141 -6.01 -26.92 13.52
C GLY B 141 -4.63 -27.25 14.09
N LEU B 142 -3.86 -26.22 14.42
CA LEU B 142 -2.50 -26.43 14.92
C LEU B 142 -2.45 -26.43 16.44
N GLN B 143 -1.36 -26.92 17.00
CA GLN B 143 -1.12 -26.86 18.44
C GLN B 143 -0.61 -25.45 18.82
N LYS B 144 -0.51 -25.14 20.11
CA LYS B 144 0.03 -23.85 20.55
C LYS B 144 1.54 -23.78 20.34
N GLU B 145 2.15 -24.94 20.09
CA GLU B 145 3.54 -25.02 19.69
C GLU B 145 3.64 -25.85 18.42
N GLU B 146 4.49 -25.43 17.50
CA GLU B 146 4.66 -26.08 16.21
C GLU B 146 6.12 -26.08 15.79
N VAL B 147 6.52 -27.12 15.06
CA VAL B 147 7.88 -27.29 14.56
C VAL B 147 7.98 -26.83 13.10
N VAL B 148 8.85 -25.85 12.85
CA VAL B 148 8.91 -25.21 11.53
C VAL B 148 10.35 -24.97 11.07
N LEU B 149 10.53 -24.87 9.75
CA LEU B 149 11.84 -24.57 9.19
C LEU B 149 12.03 -23.06 9.00
N LEU B 150 13.00 -22.50 9.72
CA LEU B 150 13.42 -21.12 9.52
C LEU B 150 14.76 -21.08 8.81
N THR B 151 14.81 -20.31 7.72
CA THR B 151 16.06 -20.10 7.00
C THR B 151 16.80 -18.86 7.50
N HIS B 152 18.13 -18.87 7.34
CA HIS B 152 18.95 -17.73 7.79
C HIS B 152 18.59 -16.45 7.05
N GLY B 153 18.65 -15.33 7.75
CA GLY B 153 18.34 -14.05 7.12
C GLY B 153 17.71 -13.06 8.07
N ASP B 154 16.74 -12.31 7.54
CA ASP B 154 16.13 -11.20 8.24
C ASP B 154 14.87 -11.60 8.96
N SER B 155 14.43 -10.74 9.88
CA SER B 155 13.15 -10.91 10.55
C SER B 155 12.55 -9.55 10.95
N VAL B 156 11.22 -9.51 11.05
CA VAL B 156 10.48 -8.29 11.37
C VAL B 156 10.95 -7.64 12.68
N ASP B 157 11.10 -6.31 12.66
CA ASP B 157 11.36 -5.53 13.86
C ASP B 157 10.04 -4.91 14.36
N LYS B 158 9.75 -3.68 13.94
CA LYS B 158 8.47 -3.05 14.23
C LYS B 158 7.40 -3.59 13.29
N VAL B 159 6.30 -4.04 13.89
CA VAL B 159 5.20 -4.67 13.17
C VAL B 159 4.26 -3.57 12.71
N ALA B 160 3.96 -3.56 11.41
CA ALA B 160 3.05 -2.59 10.82
C ALA B 160 1.75 -2.52 11.58
N ASP B 161 1.19 -1.31 11.73
CA ASP B 161 -0.13 -1.14 12.37
C ASP B 161 -1.16 -1.95 11.61
N GLY B 162 -2.14 -2.49 12.34
CA GLY B 162 -3.16 -3.33 11.73
C GLY B 162 -2.80 -4.81 11.66
N PHE B 163 -1.54 -5.13 11.96
CA PHE B 163 -1.07 -6.51 11.99
C PHE B 163 -0.85 -6.94 13.42
N LYS B 164 -1.36 -8.13 13.74
CA LYS B 164 -1.08 -8.80 15.01
C LYS B 164 0.01 -9.85 14.83
N VAL B 165 0.83 -10.03 15.86
CA VAL B 165 1.78 -11.12 15.88
C VAL B 165 1.05 -12.41 16.21
N VAL B 166 1.18 -13.41 15.35
CA VAL B 166 0.46 -14.69 15.51
C VAL B 166 1.36 -15.91 15.66
N ALA B 167 2.66 -15.66 15.69
CA ALA B 167 3.66 -16.69 15.97
C ALA B 167 4.99 -16.04 16.37
N ARG B 168 5.71 -16.67 17.29
CA ARG B 168 7.02 -16.17 17.71
C ARG B 168 7.87 -17.17 18.44
N SER B 169 9.16 -16.82 18.53
CA SER B 169 10.10 -17.44 19.46
CA SER B 169 10.08 -17.43 19.49
C SER B 169 11.15 -16.41 19.88
N GLY B 170 10.92 -15.77 21.03
CA GLY B 170 11.84 -14.78 21.57
C GLY B 170 11.69 -13.42 20.90
N ASN B 171 12.81 -12.87 20.43
CA ASN B 171 12.81 -11.61 19.69
C ASN B 171 12.31 -11.83 18.27
N ILE B 172 12.10 -13.09 17.91
CA ILE B 172 11.81 -13.44 16.53
C ILE B 172 10.31 -13.58 16.26
N VAL B 173 9.76 -12.60 15.56
CA VAL B 173 8.41 -12.66 15.04
C VAL B 173 8.42 -13.68 13.91
N ALA B 174 7.56 -14.69 14.04
CA ALA B 174 7.53 -15.80 13.10
C ALA B 174 6.26 -15.82 12.27
N GLY B 175 5.30 -14.96 12.60
CA GLY B 175 4.04 -14.84 11.85
C GLY B 175 3.26 -13.55 12.15
N ILE B 176 2.60 -12.98 11.13
CA ILE B 176 1.74 -11.80 11.30
C ILE B 176 0.42 -11.95 10.52
N ALA B 177 -0.62 -11.27 10.99
CA ALA B 177 -1.94 -11.35 10.34
C ALA B 177 -2.72 -10.05 10.46
N ASN B 178 -3.23 -9.59 9.33
CA ASN B 178 -4.29 -8.59 9.27
C ASN B 178 -5.54 -9.32 8.78
N GLU B 179 -6.37 -9.78 9.70
CA GLU B 179 -7.49 -10.65 9.37
C GLU B 179 -8.55 -9.96 8.50
N SER B 180 -8.87 -8.70 8.81
CA SER B 180 -9.85 -7.97 8.01
C SER B 180 -9.40 -7.81 6.55
N LYS B 181 -8.10 -7.68 6.31
CA LYS B 181 -7.59 -7.54 4.94
C LYS B 181 -7.23 -8.86 4.27
N LYS B 182 -7.26 -9.94 5.03
CA LYS B 182 -6.82 -11.27 4.57
C LYS B 182 -5.37 -11.26 4.07
N LEU B 183 -4.52 -10.56 4.82
CA LEU B 183 -3.09 -10.52 4.57
C LEU B 183 -2.41 -11.30 5.68
N TYR B 184 -1.68 -12.35 5.30
CA TYR B 184 -1.02 -13.22 6.28
C TYR B 184 0.45 -13.41 5.95
N GLY B 185 1.26 -13.41 7.00
CA GLY B 185 2.69 -13.59 6.85
C GLY B 185 3.21 -14.73 7.71
N ALA B 186 4.10 -15.53 7.14
CA ALA B 186 4.83 -16.54 7.89
C ALA B 186 6.31 -16.37 7.61
N GLN B 187 7.10 -16.21 8.66
CA GLN B 187 8.55 -16.08 8.51
C GLN B 187 9.15 -17.38 8.05
N PHE B 188 8.65 -18.48 8.59
CA PHE B 188 9.11 -19.82 8.25
C PHE B 188 8.53 -20.31 6.92
N HIS B 189 8.95 -21.50 6.50
CA HIS B 189 8.59 -22.03 5.17
C HIS B 189 7.61 -23.19 5.30
N PRO B 190 6.28 -22.92 5.14
CA PRO B 190 5.29 -23.99 5.23
C PRO B 190 5.30 -24.93 4.04
N GLU B 191 5.96 -24.53 2.94
CA GLU B 191 5.92 -25.28 1.69
C GLU B 191 6.88 -26.48 1.71
N VAL B 192 7.68 -26.57 2.78
CA VAL B 192 8.68 -27.63 2.93
C VAL B 192 8.23 -28.62 4.00
N GLY B 193 8.43 -29.91 3.70
CA GLY B 193 8.03 -31.02 4.58
C GLY B 193 8.60 -30.94 5.99
N LEU B 194 9.80 -30.37 6.11
CA LEU B 194 10.43 -30.12 7.43
C LEU B 194 9.58 -29.25 8.37
N THR B 195 8.74 -28.36 7.80
CA THR B 195 7.72 -27.69 8.58
C THR B 195 6.59 -28.71 8.77
N GLU B 196 6.52 -29.30 9.95
CA GLU B 196 5.65 -30.46 10.19
C GLU B 196 4.24 -30.38 9.62
N ASN B 197 3.51 -29.32 10.00
CA ASN B 197 2.13 -29.14 9.53
C ASN B 197 1.99 -27.96 8.58
N GLY B 198 2.94 -27.86 7.64
CA GLY B 198 2.95 -26.81 6.63
C GLY B 198 1.78 -26.93 5.67
N LYS B 199 1.40 -28.17 5.34
CA LYS B 199 0.22 -28.43 4.49
C LYS B 199 -1.09 -27.91 5.09
N VAL B 200 -1.20 -27.98 6.41
CA VAL B 200 -2.39 -27.52 7.14
C VAL B 200 -2.53 -26.00 7.01
N ILE B 201 -1.40 -25.30 7.13
CA ILE B 201 -1.32 -23.86 6.97
C ILE B 201 -1.72 -23.42 5.56
N LEU B 202 -1.22 -24.13 4.56
CA LEU B 202 -1.52 -23.85 3.16
C LEU B 202 -2.99 -24.17 2.84
N LYS B 203 -3.51 -25.24 3.45
CA LYS B 203 -4.95 -25.57 3.35
C LYS B 203 -5.83 -24.49 3.97
N ASN B 204 -5.51 -24.05 5.17
CA ASN B 204 -6.15 -22.89 5.78
C ASN B 204 -6.18 -21.66 4.84
N PHE B 205 -5.03 -21.29 4.30
CA PHE B 205 -4.96 -20.16 3.40
C PHE B 205 -5.76 -20.33 2.11
N LEU B 206 -5.55 -21.45 1.41
CA LEU B 206 -6.18 -21.67 0.10
C LEU B 206 -7.66 -21.94 0.18
N TYR B 207 -8.07 -22.81 1.11
CA TYR B 207 -9.48 -23.15 1.25
C TYR B 207 -10.24 -22.15 2.09
N ASP B 208 -9.84 -21.98 3.35
CA ASP B 208 -10.65 -21.22 4.32
C ASP B 208 -10.56 -19.73 4.06
N ILE B 209 -9.34 -19.23 3.92
CA ILE B 209 -9.11 -17.81 3.75
C ILE B 209 -9.45 -17.37 2.32
N ALA B 210 -8.94 -18.09 1.32
CA ALA B 210 -9.13 -17.65 -0.06
C ALA B 210 -10.39 -18.21 -0.74
N GLY B 211 -10.91 -19.30 -0.19
CA GLY B 211 -12.14 -19.89 -0.71
C GLY B 211 -11.94 -20.65 -2.01
N CYS B 212 -10.70 -21.07 -2.30
CA CYS B 212 -10.42 -21.92 -3.46
C CYS B 212 -11.05 -23.26 -3.19
N SER B 213 -11.62 -23.88 -4.22
CA SER B 213 -12.13 -25.22 -4.06
C SER B 213 -11.03 -26.24 -4.32
N GLY B 214 -10.96 -27.26 -3.47
CA GLY B 214 -9.99 -28.33 -3.63
C GLY B 214 -10.55 -29.43 -4.51
N THR B 215 -11.19 -29.04 -5.61
CA THR B 215 -11.87 -29.96 -6.49
C THR B 215 -11.49 -29.71 -7.93
N PHE B 216 -11.42 -30.80 -8.69
CA PHE B 216 -11.15 -30.76 -10.11
C PHE B 216 -12.25 -31.52 -10.86
N THR B 217 -12.33 -31.30 -12.17
CA THR B 217 -13.29 -32.00 -13.02
C THR B 217 -12.58 -32.83 -14.10
N VAL B 218 -12.78 -34.14 -14.03
CA VAL B 218 -12.20 -35.11 -14.97
C VAL B 218 -13.29 -35.89 -15.67
#